data_9MZY
#
_entry.id   9MZY
#
_cell.length_a   47.307
_cell.length_b   95.163
_cell.length_c   128.121
_cell.angle_alpha   90.00
_cell.angle_beta   90.00
_cell.angle_gamma   90.00
#
_symmetry.space_group_name_H-M   'P 21 21 21'
#
loop_
_entity.id
_entity.type
_entity.pdbx_description
1 polymer 'Receptor-interacting serine/threonine-protein kinase 1'
2 non-polymer 1-[(2S,5S)-2,3-dihydro-2,5-methano-1,4-benzoxazepin-4(5H)-yl]-3,3-difluoro-2,2-dimethylpropan-1-one
3 non-polymer 'IODIDE ION'
4 non-polymer GLYCINE
5 non-polymer 'CHLORIDE ION'
6 water water
#
_entity_poly.entity_id   1
_entity_poly.type   'polypeptide(L)'
_entity_poly.pdbx_seq_one_letter_code
;NVIKMKSSDFLESAELDSGGFGKVSLAFHRTQGLMIMKTVYKGPNCIEHNEALLEEAKMMNRLRHSRVVKLLGVIIEEGK
YSLVMEYMEKGNLMHVLKAEMSTPLSVKGRIILEIIEGMAYLHGKGVIHKDLKPENILVDNDFHIKIADLGLASFKMWSK
LNNEEHNELREVDGTAKKNGGTLYYMAPEHLNDVNAKPTEKSDVYSFAVVLWAIFANKEPYENAIAEQQLIMAIKSGNRP
DVDDITEYCPREIISLMKLCWEANPEARPTFPGIEEKFRPFYLSQLE
;
_entity_poly.pdbx_strand_id   A,B
#
# COMPACT_ATOMS: atom_id res chain seq x y z
N ASN A 1 7.48 19.33 0.99
CA ASN A 1 8.20 20.05 2.10
C ASN A 1 7.60 19.76 3.48
N VAL A 2 8.46 19.92 4.49
CA VAL A 2 8.07 19.82 5.91
C VAL A 2 7.36 21.11 6.37
N ILE A 3 6.30 20.96 7.14
CA ILE A 3 5.55 22.08 7.72
C ILE A 3 6.32 22.58 8.96
N LYS A 4 6.75 23.85 8.92
CA LYS A 4 7.40 24.50 10.06
C LYS A 4 6.32 25.07 10.98
N MET A 5 6.26 24.54 12.20
CA MET A 5 5.25 24.88 13.22
C MET A 5 5.88 25.74 14.31
N LYS A 6 5.01 26.40 15.06
CA LYS A 6 5.40 27.28 16.17
C LYS A 6 4.90 26.73 17.49
N SER A 7 5.53 27.13 18.61
CA SER A 7 5.03 26.78 19.95
C SER A 7 3.69 27.46 20.29
N SER A 8 3.51 28.70 19.84
CA SER A 8 2.22 29.44 19.93
C SER A 8 1.03 28.79 19.19
N ASP A 9 1.34 27.97 18.17
CA ASP A 9 0.31 27.14 17.51
C ASP A 9 -0.29 26.02 18.40
N PHE A 10 0.35 25.70 19.53
CA PHE A 10 -0.07 24.64 20.46
C PHE A 10 -0.40 25.07 21.89
N LEU A 11 -1.25 24.28 22.55
CA LEU A 11 -1.46 24.29 23.99
C LEU A 11 -1.04 22.87 24.43
N GLU A 12 -0.12 22.78 25.40
CA GLU A 12 0.27 21.48 25.99
C GLU A 12 -0.69 21.09 27.10
N LYS A 23 10.42 16.29 26.36
CA LYS A 23 9.25 15.59 26.90
C LYS A 23 8.26 15.20 25.79
N VAL A 24 7.86 13.92 25.78
CA VAL A 24 6.73 13.45 24.94
C VAL A 24 5.44 13.83 25.67
N SER A 25 4.50 14.47 24.95
CA SER A 25 3.25 14.98 25.54
C SER A 25 2.11 15.10 24.53
N LEU A 26 0.88 15.18 25.04
CA LEU A 26 -0.31 15.51 24.23
C LEU A 26 -0.29 17.00 23.84
N ALA A 27 -0.52 17.29 22.56
CA ALA A 27 -0.41 18.62 22.01
C ALA A 27 -1.69 18.95 21.25
N PHE A 28 -2.37 20.03 21.63
CA PHE A 28 -3.53 20.54 20.89
C PHE A 28 -3.09 21.64 19.93
N HIS A 29 -3.04 21.34 18.63
CA HIS A 29 -2.86 22.37 17.60
C HIS A 29 -4.13 23.21 17.52
N ARG A 30 -3.95 24.53 17.50
CA ARG A 30 -5.05 25.51 17.66
C ARG A 30 -6.14 25.45 16.59
N THR A 31 -5.81 25.03 15.36
CA THR A 31 -6.79 24.81 14.27
C THR A 31 -7.05 23.32 13.90
N GLN A 32 -6.11 22.40 14.19
CA GLN A 32 -6.08 21.02 13.65
C GLN A 32 -6.27 19.89 14.69
N GLY A 33 -6.48 20.22 15.96
CA GLY A 33 -6.75 19.23 17.00
C GLY A 33 -5.55 18.50 17.56
N LEU A 34 -5.78 17.28 18.04
CA LEU A 34 -4.85 16.58 18.92
C LEU A 34 -3.70 15.95 18.14
N MET A 35 -2.48 16.10 18.68
CA MET A 35 -1.25 15.48 18.18
C MET A 35 -0.36 15.10 19.35
N ILE A 36 0.71 14.36 19.05
CA ILE A 36 1.80 14.10 20.01
C ILE A 36 2.98 14.98 19.59
N MET A 37 3.69 15.50 20.59
CA MET A 37 4.87 16.29 20.40
C MET A 37 6.02 15.65 21.19
N LYS A 38 6.96 15.03 20.48
CA LYS A 38 8.24 14.63 21.04
C LYS A 38 9.17 15.85 20.95
N THR A 39 9.42 16.46 22.11
CA THR A 39 10.36 17.58 22.28
C THR A 39 11.72 16.97 22.58
N VAL A 40 12.63 17.02 21.61
CA VAL A 40 13.93 16.33 21.72
C VAL A 40 14.95 17.11 22.55
N TYR A 41 14.94 18.44 22.39
CA TYR A 41 15.85 19.34 23.11
C TYR A 41 15.06 20.53 23.70
N LYS A 42 15.36 20.86 24.96
CA LYS A 42 15.01 22.16 25.57
C LYS A 42 16.25 22.67 26.33
N GLY A 43 16.66 23.91 26.07
CA GLY A 43 17.87 24.47 26.67
C GLY A 43 18.38 25.75 26.01
N PRO A 44 19.70 26.03 26.12
CA PRO A 44 20.37 27.09 25.34
C PRO A 44 20.37 26.90 23.81
N ASN A 45 20.63 27.99 23.09
CA ASN A 45 20.58 28.03 21.62
C ASN A 45 21.81 27.34 20.97
N CYS A 46 21.56 26.23 20.26
CA CYS A 46 22.54 25.57 19.39
C CYS A 46 22.23 25.89 17.91
N ILE A 47 23.04 26.75 17.30
CA ILE A 47 22.70 27.40 16.01
C ILE A 47 23.23 26.75 14.74
N GLU A 48 24.24 25.89 14.83
CA GLU A 48 25.03 25.45 13.66
C GLU A 48 24.29 24.46 12.74
N HIS A 49 23.73 23.41 13.34
CA HIS A 49 23.13 22.28 12.60
C HIS A 49 21.59 22.31 12.40
N ASN A 50 20.96 23.48 12.57
CA ASN A 50 19.53 23.70 12.19
C ASN A 50 19.20 23.40 10.72
N GLU A 51 20.16 23.64 9.82
CA GLU A 51 20.07 23.27 8.40
C GLU A 51 20.02 21.76 8.17
N ALA A 52 20.86 21.02 8.90
CA ALA A 52 20.89 19.55 8.84
C ALA A 52 19.68 18.89 9.52
N LEU A 53 19.23 19.47 10.62
CA LEU A 53 17.99 19.05 11.29
C LEU A 53 16.74 19.22 10.42
N LEU A 54 16.63 20.36 9.74
CA LEU A 54 15.52 20.62 8.80
C LEU A 54 15.58 19.72 7.55
N GLU A 55 16.77 19.47 7.02
CA GLU A 55 16.98 18.55 5.88
C GLU A 55 16.66 17.10 6.26
N GLU A 56 17.02 16.71 7.48
CA GLU A 56 16.64 15.40 8.05
C GLU A 56 15.14 15.32 8.36
N ALA A 57 14.54 16.44 8.80
CA ALA A 57 13.08 16.56 8.94
C ALA A 57 12.35 16.40 7.60
N LYS A 58 12.91 16.98 6.52
CA LYS A 58 12.37 16.81 5.16
C LYS A 58 12.37 15.34 4.71
N MET A 59 13.46 14.63 5.00
CA MET A 59 13.60 13.21 4.72
C MET A 59 12.56 12.33 5.41
N MET A 60 12.32 12.60 6.70
CA MET A 60 11.26 11.87 7.44
C MET A 60 9.82 12.26 7.01
N ASN A 61 9.65 13.45 6.42
CA ASN A 61 8.37 13.88 5.85
C ASN A 61 7.96 13.20 4.54
N ARG A 62 8.95 12.69 3.78
CA ARG A 62 8.64 11.95 2.53
C ARG A 62 7.90 10.60 2.73
N LEU A 63 7.95 10.05 3.95
CA LEU A 63 7.31 8.76 4.29
C LEU A 63 5.85 8.95 4.72
N ARG A 64 4.96 8.85 3.72
CA ARG A 64 3.50 8.91 3.92
C ARG A 64 2.88 7.52 3.66
N HIS A 65 2.30 6.90 4.69
CA HIS A 65 1.59 5.60 4.54
C HIS A 65 0.66 5.33 5.71
N SER A 66 -0.48 4.67 5.46
CA SER A 66 -1.49 4.41 6.52
C SER A 66 -0.99 3.60 7.73
N ARG A 67 0.05 2.78 7.50
CA ARG A 67 0.73 1.99 8.52
C ARG A 67 2.07 2.54 9.00
N VAL A 68 2.34 3.83 8.74
CA VAL A 68 3.54 4.52 9.25
C VAL A 68 3.09 5.81 9.94
N VAL A 69 3.70 6.14 11.10
CA VAL A 69 3.43 7.40 11.80
C VAL A 69 3.90 8.57 10.93
N LYS A 70 2.97 9.45 10.56
CA LYS A 70 3.30 10.67 9.80
C LYS A 70 3.87 11.73 10.73
N LEU A 71 4.98 12.34 10.31
CA LEU A 71 5.45 13.59 10.87
C LEU A 71 4.55 14.69 10.31
N LEU A 72 3.82 15.36 11.20
CA LEU A 72 2.87 16.41 10.81
C LEU A 72 3.55 17.78 10.75
N GLY A 73 4.51 18.02 11.64
CA GLY A 73 5.42 19.15 11.49
C GLY A 73 6.59 19.12 12.46
N VAL A 74 7.43 20.15 12.36
CA VAL A 74 8.61 20.34 13.22
C VAL A 74 8.63 21.77 13.75
N ILE A 75 9.06 21.91 15.01
CA ILE A 75 9.30 23.16 15.68
C ILE A 75 10.83 23.26 15.73
N ILE A 76 11.39 24.24 15.01
CA ILE A 76 12.82 24.55 15.01
C ILE A 76 12.90 26.03 15.43
N GLU A 77 13.04 26.24 16.75
CA GLU A 77 13.01 27.56 17.39
C GLU A 77 14.23 27.76 18.30
N GLU A 78 14.37 28.99 18.79
CA GLU A 78 15.44 29.40 19.72
C GLU A 78 15.40 28.60 21.05
N GLY A 79 16.33 27.65 21.18
CA GLY A 79 16.43 26.78 22.35
C GLY A 79 15.40 25.67 22.53
N LYS A 80 14.67 25.30 21.47
CA LYS A 80 13.61 24.26 21.55
C LYS A 80 13.36 23.61 20.17
N TYR A 81 13.47 22.27 20.15
CA TYR A 81 13.45 21.48 18.91
C TYR A 81 12.53 20.28 19.14
N SER A 82 11.38 20.26 18.44
CA SER A 82 10.35 19.21 18.62
C SER A 82 9.89 18.61 17.30
N LEU A 83 9.60 17.30 17.33
CA LEU A 83 8.93 16.59 16.25
C LEU A 83 7.49 16.42 16.66
N VAL A 84 6.59 16.66 15.70
CA VAL A 84 5.14 16.63 15.92
C VAL A 84 4.58 15.55 15.01
N MET A 85 3.86 14.62 15.62
CA MET A 85 3.41 13.40 14.97
C MET A 85 1.98 13.11 15.36
N GLU A 86 1.37 12.22 14.59
CA GLU A 86 -0.03 11.88 14.78
C GLU A 86 -0.28 11.12 16.07
N TYR A 87 -1.50 11.27 16.58
CA TYR A 87 -1.94 10.72 17.89
C TYR A 87 -2.44 9.27 17.71
N MET A 88 -2.03 8.37 18.60
CA MET A 88 -2.42 6.96 18.56
C MET A 88 -2.94 6.56 19.94
N GLU A 89 -4.26 6.45 20.07
CA GLU A 89 -4.97 6.48 21.36
C GLU A 89 -4.61 5.33 22.33
N LYS A 90 -4.48 4.11 21.80
CA LYS A 90 -4.19 2.94 22.64
C LYS A 90 -2.71 2.72 22.99
N GLY A 91 -1.81 3.61 22.55
CA GLY A 91 -0.38 3.51 22.89
C GLY A 91 0.32 2.41 22.09
N ASN A 92 1.42 1.88 22.61
CA ASN A 92 2.22 0.85 21.88
C ASN A 92 1.57 -0.54 21.92
N LEU A 93 2.09 -1.43 21.08
CA LEU A 93 1.57 -2.77 20.92
C LEU A 93 1.62 -3.63 22.20
N MET A 94 2.70 -3.53 22.97
CA MET A 94 2.87 -4.31 24.20
C MET A 94 1.88 -3.91 25.28
N HIS A 95 1.63 -2.60 25.41
CA HIS A 95 0.61 -2.07 26.32
C HIS A 95 -0.81 -2.60 26.02
N VAL A 96 -1.15 -2.74 24.73
CA VAL A 96 -2.46 -3.28 24.32
C VAL A 96 -2.55 -4.79 24.55
N LEU A 97 -1.47 -5.51 24.26
CA LEU A 97 -1.40 -6.96 24.52
C LEU A 97 -1.49 -7.36 25.99
N LYS A 98 -1.10 -6.46 26.90
CA LYS A 98 -1.18 -6.68 28.36
C LYS A 98 -2.50 -6.30 29.05
N ALA A 99 -3.46 -5.73 28.33
CA ALA A 99 -4.74 -5.26 28.94
C ALA A 99 -5.66 -6.40 29.43
N GLU A 100 -6.59 -6.06 30.34
CA GLU A 100 -7.52 -7.05 30.95
C GLU A 100 -8.49 -7.69 29.94
N MET A 101 -9.00 -6.89 29.01
CA MET A 101 -9.77 -7.38 27.85
C MET A 101 -8.77 -7.95 26.84
N SER A 102 -8.94 -9.22 26.49
CA SER A 102 -8.02 -9.93 25.57
C SER A 102 -8.26 -9.50 24.11
N THR A 103 -7.20 -9.53 23.30
CA THR A 103 -7.30 -9.30 21.85
C THR A 103 -7.60 -10.64 21.17
N PRO A 104 -8.69 -10.73 20.38
CA PRO A 104 -8.92 -11.99 19.63
C PRO A 104 -7.93 -12.26 18.50
N LEU A 105 -7.96 -13.51 18.02
CA LEU A 105 -7.08 -14.00 16.96
C LEU A 105 -7.22 -13.26 15.61
N SER A 106 -8.45 -12.87 15.25
CA SER A 106 -8.70 -12.13 14.00
C SER A 106 -8.05 -10.75 14.00
N VAL A 107 -8.12 -10.07 15.15
CA VAL A 107 -7.49 -8.76 15.33
C VAL A 107 -5.97 -8.87 15.27
N LYS A 108 -5.42 -9.87 15.98
CA LYS A 108 -3.99 -10.20 15.92
C LYS A 108 -3.50 -10.45 14.51
N GLY A 109 -4.24 -11.27 13.75
CA GLY A 109 -3.96 -11.49 12.32
C GLY A 109 -3.90 -10.22 11.48
N ARG A 110 -4.86 -9.33 11.71
CA ARG A 110 -4.93 -8.05 11.02
C ARG A 110 -3.77 -7.11 11.46
N ILE A 111 -3.48 -7.08 12.76
CA ILE A 111 -2.26 -6.39 13.28
C ILE A 111 -0.98 -6.85 12.55
N ILE A 112 -0.82 -8.15 12.33
CA ILE A 112 0.36 -8.72 11.65
C ILE A 112 0.43 -8.28 10.19
N LEU A 113 -0.70 -8.33 9.49
CA LEU A 113 -0.79 -7.88 8.09
C LEU A 113 -0.49 -6.37 7.92
N GLU A 114 -0.98 -5.56 8.85
CA GLU A 114 -0.70 -4.14 8.83
C GLU A 114 0.78 -3.84 9.08
N ILE A 115 1.41 -4.60 9.99
CA ILE A 115 2.87 -4.56 10.22
C ILE A 115 3.63 -4.90 8.93
N ILE A 116 3.17 -5.93 8.23
CA ILE A 116 3.78 -6.34 6.94
C ILE A 116 3.65 -5.26 5.87
N GLU A 117 2.44 -4.69 5.73
CA GLU A 117 2.16 -3.57 4.80
C GLU A 117 3.11 -2.38 5.01
N GLY A 118 3.22 -1.96 6.26
CA GLY A 118 4.07 -0.86 6.65
C GLY A 118 5.54 -1.08 6.44
N MET A 119 6.03 -2.27 6.81
CA MET A 119 7.45 -2.61 6.59
C MET A 119 7.80 -2.75 5.08
N ALA A 120 6.85 -3.26 4.29
CA ALA A 120 6.97 -3.27 2.82
C ALA A 120 7.00 -1.86 2.21
N TYR A 121 6.19 -0.95 2.75
CA TYR A 121 6.23 0.46 2.35
C TYR A 121 7.63 1.06 2.56
N LEU A 122 8.11 0.95 3.80
CA LEU A 122 9.42 1.47 4.21
C LEU A 122 10.62 0.91 3.43
N HIS A 123 10.63 -0.40 3.22
CA HIS A 123 11.65 -1.07 2.38
C HIS A 123 11.57 -0.65 0.91
N GLY A 124 10.36 -0.43 0.41
CA GLY A 124 10.11 0.19 -0.90
C GLY A 124 10.69 1.59 -1.12
N LYS A 125 10.77 2.37 -0.04
CA LYS A 125 11.43 3.69 -0.03
C LYS A 125 12.91 3.65 0.42
N GLY A 126 13.56 2.47 0.40
CA GLY A 126 14.95 2.31 0.83
C GLY A 126 15.29 2.46 2.30
N VAL A 127 14.28 2.48 3.17
CA VAL A 127 14.47 2.65 4.61
C VAL A 127 14.57 1.29 5.30
N ILE A 128 15.66 1.05 6.02
CA ILE A 128 15.76 -0.04 6.99
C ILE A 128 15.38 0.57 8.33
N HIS A 129 14.44 -0.05 9.07
CA HIS A 129 14.03 0.47 10.39
C HIS A 129 15.17 0.41 11.38
N LYS A 130 15.77 -0.77 11.49
CA LYS A 130 16.89 -1.09 12.38
C LYS A 130 16.54 -1.26 13.88
N ASP A 131 15.28 -1.04 14.27
CA ASP A 131 14.81 -1.13 15.66
C ASP A 131 13.29 -1.43 15.76
N LEU A 132 12.85 -2.41 14.97
CA LEU A 132 11.44 -2.82 15.01
C LEU A 132 11.23 -3.62 16.30
N LYS A 133 10.21 -3.25 17.05
CA LYS A 133 9.88 -3.84 18.35
C LYS A 133 8.47 -3.35 18.79
N PRO A 134 7.79 -4.07 19.71
CA PRO A 134 6.43 -3.66 20.14
C PRO A 134 6.29 -2.19 20.55
N GLU A 135 7.27 -1.64 21.27
CA GLU A 135 7.32 -0.18 21.61
C GLU A 135 7.20 0.81 20.43
N ASN A 136 7.65 0.37 19.25
CA ASN A 136 7.57 1.13 18.00
C ASN A 136 6.34 0.83 17.13
N ILE A 137 5.37 0.09 17.65
CA ILE A 137 4.17 -0.26 16.90
C ILE A 137 3.06 0.36 17.73
N LEU A 138 2.47 1.45 17.22
CA LEU A 138 1.44 2.19 17.91
C LEU A 138 0.10 1.73 17.39
N VAL A 139 -0.92 1.83 18.24
CA VAL A 139 -2.25 1.25 18.05
C VAL A 139 -3.29 2.34 18.29
N ASP A 140 -4.24 2.50 17.36
CA ASP A 140 -5.40 3.42 17.53
C ASP A 140 -6.57 2.69 18.21
N ASN A 141 -7.64 3.44 18.52
CA ASN A 141 -8.84 2.94 19.24
C ASN A 141 -9.62 1.81 18.51
N ASP A 142 -9.51 1.73 17.18
CA ASP A 142 -10.03 0.60 16.36
C ASP A 142 -9.05 -0.60 16.19
N PHE A 143 -7.94 -0.61 16.95
CA PHE A 143 -6.88 -1.64 16.88
C PHE A 143 -6.06 -1.67 15.57
N HIS A 144 -6.17 -0.62 14.75
CA HIS A 144 -5.32 -0.48 13.57
C HIS A 144 -3.98 0.10 14.04
N ILE A 145 -2.90 -0.26 13.34
CA ILE A 145 -1.53 0.04 13.82
C ILE A 145 -0.71 0.92 12.87
N LYS A 146 0.32 1.55 13.42
CA LYS A 146 1.33 2.27 12.62
C LYS A 146 2.72 2.06 13.19
N ILE A 147 3.70 1.78 12.31
CA ILE A 147 5.11 1.69 12.72
C ILE A 147 5.68 3.11 12.94
N ALA A 148 6.41 3.24 14.06
CA ALA A 148 7.04 4.44 14.53
C ALA A 148 8.52 4.20 14.65
N ASP A 149 9.27 5.29 14.75
CA ASP A 149 10.73 5.25 15.02
C ASP A 149 10.97 6.24 16.12
N LEU A 150 10.49 5.86 17.31
CA LEU A 150 10.53 6.76 18.49
C LEU A 150 11.94 7.01 19.04
N GLY A 151 12.85 6.06 18.84
CA GLY A 151 14.26 6.20 19.18
C GLY A 151 15.14 6.86 18.14
N LEU A 152 14.55 7.29 17.00
CA LEU A 152 15.25 8.05 15.94
C LEU A 152 16.48 7.30 15.37
N ALA A 153 16.31 5.99 15.21
CA ALA A 153 17.36 5.10 14.63
C ALA A 153 17.74 5.45 13.19
N SER A 154 16.78 5.93 12.40
CA SER A 154 17.02 6.39 11.01
C SER A 154 17.48 7.86 10.85
N PHE A 155 17.58 8.60 11.96
CA PHE A 155 17.74 10.07 11.98
C PHE A 155 18.78 10.48 13.03
N LYS A 156 20.06 10.48 12.62
CA LYS A 156 21.21 10.61 13.53
C LYS A 156 21.33 11.97 14.21
N MET A 157 21.07 13.04 13.45
CA MET A 157 21.18 14.42 13.95
C MET A 157 20.12 14.75 15.00
N TRP A 158 18.87 14.34 14.74
CA TRP A 158 17.79 14.41 15.74
C TRP A 158 18.01 13.53 16.98
N SER A 159 18.61 12.35 16.80
CA SER A 159 18.92 11.45 17.93
C SER A 159 20.07 11.98 18.80
N LYS A 160 21.15 12.42 18.14
CA LYS A 160 22.29 13.08 18.82
C LYS A 160 21.94 14.41 19.50
N LEU A 161 20.97 15.15 18.94
CA LEU A 161 20.42 16.37 19.57
C LEU A 161 19.76 16.13 20.94
N ASN A 162 19.20 14.94 21.15
CA ASN A 162 18.66 14.55 22.46
C ASN A 162 19.80 14.41 23.48
N ASN A 163 20.75 13.52 23.17
CA ASN A 163 21.90 13.26 24.04
C ASN A 163 22.95 14.39 23.92
N GLU A 164 22.66 15.50 24.61
CA GLU A 164 23.53 16.70 24.62
C GLU A 164 23.64 17.30 26.03
N GLU A 165 24.80 17.89 26.34
CA GLU A 165 25.14 18.37 27.70
C GLU A 165 24.29 19.56 28.16
N HIS A 166 24.02 20.51 27.24
CA HIS A 166 23.15 21.67 27.53
C HIS A 166 21.66 21.35 27.78
N ASN A 167 21.17 20.20 27.29
CA ASN A 167 19.75 19.82 27.34
C ASN A 167 19.24 19.58 28.78
N GLU A 168 18.22 20.34 29.18
CA GLU A 168 17.64 20.26 30.55
C GLU A 168 16.41 19.33 30.70
N LEU A 169 16.18 18.43 29.73
CA LEU A 169 15.12 17.39 29.80
C LEU A 169 15.64 16.13 30.49
N GLY A 181 15.73 -5.59 27.16
CA GLY A 181 14.52 -5.12 26.44
C GLY A 181 14.78 -4.45 25.10
N THR A 182 15.86 -3.66 25.02
CA THR A 182 16.39 -3.16 23.75
C THR A 182 16.88 -4.31 22.84
N LEU A 183 17.64 -5.25 23.41
CA LEU A 183 18.27 -6.35 22.66
C LEU A 183 17.35 -7.47 22.15
N TYR A 184 16.12 -7.59 22.66
CA TYR A 184 15.30 -8.81 22.40
C TYR A 184 14.86 -9.01 20.96
N TYR A 185 14.76 -7.92 20.20
CA TYR A 185 14.29 -7.95 18.80
C TYR A 185 15.42 -7.78 17.76
N MET A 186 16.68 -7.88 18.18
CA MET A 186 17.82 -7.54 17.35
C MET A 186 18.39 -8.80 16.74
N ALA A 187 18.58 -8.79 15.43
CA ALA A 187 19.14 -9.93 14.71
C ALA A 187 20.55 -10.28 15.18
N PRO A 188 20.91 -11.59 15.27
CA PRO A 188 22.22 -12.02 15.81
C PRO A 188 23.45 -11.47 15.10
N GLU A 189 23.35 -11.23 13.79
CA GLU A 189 24.39 -10.50 13.04
C GLU A 189 24.79 -9.12 13.63
N HIS A 190 23.89 -8.45 14.35
CA HIS A 190 24.16 -7.17 15.05
C HIS A 190 24.54 -7.28 16.53
N LEU A 191 24.23 -8.41 17.19
CA LEU A 191 24.64 -8.65 18.57
C LEU A 191 26.15 -8.90 18.62
N ASN A 192 26.86 -8.12 19.45
CA ASN A 192 28.35 -8.12 19.49
C ASN A 192 29.03 -7.84 18.11
N ASP A 193 28.42 -6.98 17.30
CA ASP A 193 28.94 -6.55 15.99
C ASP A 193 28.20 -5.27 15.57
N VAL A 194 28.60 -4.17 16.21
CA VAL A 194 28.04 -2.84 15.93
C VAL A 194 28.41 -2.25 14.57
N ASN A 195 29.52 -2.70 13.99
CA ASN A 195 29.99 -2.21 12.70
C ASN A 195 29.24 -2.75 11.47
N ALA A 196 28.68 -3.95 11.55
CA ALA A 196 27.95 -4.57 10.44
C ALA A 196 26.72 -3.76 9.97
N LYS A 197 26.58 -3.63 8.64
CA LYS A 197 25.55 -2.82 7.99
C LYS A 197 24.20 -3.55 8.11
N PRO A 198 23.14 -2.88 8.65
CA PRO A 198 21.80 -3.51 8.60
C PRO A 198 21.21 -3.66 7.20
N THR A 199 20.33 -4.65 7.05
CA THR A 199 19.66 -4.95 5.78
C THR A 199 18.16 -5.07 6.02
N GLU A 200 17.42 -5.27 4.93
CA GLU A 200 16.00 -5.62 5.00
C GLU A 200 15.77 -6.86 5.89
N LYS A 201 16.70 -7.81 5.84
CA LYS A 201 16.63 -9.05 6.66
C LYS A 201 16.81 -8.84 8.16
N SER A 202 17.54 -7.80 8.57
CA SER A 202 17.60 -7.39 9.99
C SER A 202 16.23 -7.09 10.62
N ASP A 203 15.40 -6.37 9.86
CA ASP A 203 14.01 -6.09 10.26
C ASP A 203 13.11 -7.34 10.25
N VAL A 204 13.33 -8.26 9.30
CA VAL A 204 12.60 -9.54 9.23
C VAL A 204 12.81 -10.37 10.51
N TYR A 205 14.02 -10.39 11.07
CA TYR A 205 14.26 -11.04 12.38
C TYR A 205 13.42 -10.34 13.50
N SER A 206 13.45 -9.01 13.56
CA SER A 206 12.68 -8.25 14.57
C SER A 206 11.20 -8.61 14.53
N PHE A 207 10.61 -8.51 13.34
CA PHE A 207 9.24 -8.95 13.02
C PHE A 207 8.94 -10.37 13.54
N ALA A 208 9.86 -11.30 13.32
CA ALA A 208 9.75 -12.69 13.83
C ALA A 208 9.53 -12.73 15.34
N VAL A 209 10.31 -11.92 16.04
CA VAL A 209 10.19 -11.84 17.51
C VAL A 209 8.92 -11.06 17.91
N VAL A 210 8.55 -10.05 17.12
CA VAL A 210 7.25 -9.33 17.27
C VAL A 210 6.05 -10.30 17.13
N LEU A 211 6.14 -11.29 16.23
CA LEU A 211 5.08 -12.29 16.06
C LEU A 211 4.88 -13.09 17.33
N TRP A 212 5.97 -13.68 17.83
CA TRP A 212 6.00 -14.39 19.12
C TRP A 212 5.35 -13.59 20.28
N ALA A 213 5.79 -12.35 20.43
CA ALA A 213 5.26 -11.42 21.40
C ALA A 213 3.77 -11.22 21.31
N ILE A 214 3.26 -11.15 20.07
CA ILE A 214 1.81 -10.99 19.82
C ILE A 214 1.00 -12.16 20.38
N PHE A 215 1.52 -13.39 20.26
CA PHE A 215 0.82 -14.57 20.82
C PHE A 215 1.15 -14.91 22.26
N ALA A 216 2.28 -14.41 22.77
CA ALA A 216 2.65 -14.56 24.17
C ALA A 216 2.06 -13.52 25.12
N ASN A 217 1.76 -12.32 24.63
CA ASN A 217 1.29 -11.19 25.49
C ASN A 217 2.32 -10.77 26.55
N LYS A 218 3.60 -10.84 26.19
CA LYS A 218 4.73 -10.51 27.07
C LYS A 218 6.05 -10.45 26.32
N GLU A 219 7.04 -9.84 26.97
CA GLU A 219 8.40 -9.76 26.43
C GLU A 219 9.06 -11.16 26.49
N PRO A 220 9.88 -11.50 25.47
CA PRO A 220 10.61 -12.78 25.52
C PRO A 220 11.74 -12.86 26.54
N TYR A 221 12.18 -14.10 26.78
CA TYR A 221 13.38 -14.43 27.56
C TYR A 221 13.31 -14.05 29.05
N GLU A 222 12.12 -14.10 29.66
CA GLU A 222 11.94 -13.71 31.07
C GLU A 222 12.86 -14.45 32.07
N ASN A 223 13.11 -15.74 31.80
CA ASN A 223 13.96 -16.61 32.67
C ASN A 223 15.49 -16.48 32.49
N ALA A 224 15.97 -15.71 31.50
CA ALA A 224 17.42 -15.40 31.39
C ALA A 224 17.89 -14.55 32.57
N ILE A 225 19.13 -14.78 33.02
CA ILE A 225 19.70 -14.15 34.24
C ILE A 225 20.90 -13.20 34.00
N ALA A 226 21.46 -13.14 32.78
CA ALA A 226 22.53 -12.16 32.41
C ALA A 226 22.42 -11.72 30.96
N GLU A 227 23.00 -10.56 30.67
CA GLU A 227 23.00 -9.98 29.32
C GLU A 227 23.92 -10.77 28.39
N GLN A 228 25.18 -10.92 28.81
CA GLN A 228 26.20 -11.62 28.04
C GLN A 228 25.90 -13.12 27.81
N GLN A 229 25.30 -13.77 28.83
CA GLN A 229 24.80 -15.14 28.68
C GLN A 229 23.75 -15.23 27.58
N LEU A 230 22.77 -14.33 27.64
CA LEU A 230 21.66 -14.29 26.68
C LEU A 230 22.08 -13.92 25.25
N ILE A 231 22.94 -12.92 25.11
CA ILE A 231 23.47 -12.48 23.81
C ILE A 231 24.14 -13.64 23.09
N MET A 232 25.10 -14.26 23.77
CA MET A 232 25.84 -15.42 23.21
C MET A 232 24.93 -16.62 22.93
N ALA A 233 23.96 -16.87 23.80
CA ALA A 233 22.90 -17.87 23.58
C ALA A 233 22.14 -17.63 22.28
N ILE A 234 21.70 -16.39 22.07
CA ILE A 234 21.01 -15.98 20.85
C ILE A 234 21.89 -16.12 19.59
N LYS A 235 23.14 -15.67 19.69
CA LYS A 235 24.13 -15.82 18.60
C LYS A 235 24.39 -17.26 18.18
N SER A 236 24.30 -18.19 19.14
CA SER A 236 24.42 -19.63 18.93
C SER A 236 23.05 -20.35 18.77
N GLY A 237 22.05 -19.65 18.21
CA GLY A 237 20.80 -20.26 17.78
C GLY A 237 19.58 -20.23 18.70
N ASN A 238 19.74 -19.89 19.99
CA ASN A 238 18.58 -19.89 20.94
C ASN A 238 17.61 -18.75 20.64
N ARG A 239 16.31 -19.02 20.78
CA ARG A 239 15.20 -18.15 20.32
C ARG A 239 14.11 -18.09 21.39
N PRO A 240 13.07 -17.21 21.21
CA PRO A 240 11.97 -17.17 22.16
C PRO A 240 11.24 -18.50 22.31
N ASP A 241 10.77 -18.77 23.52
CA ASP A 241 10.23 -20.08 23.86
C ASP A 241 8.82 -20.25 23.30
N VAL A 242 8.67 -21.15 22.33
CA VAL A 242 7.38 -21.43 21.67
C VAL A 242 6.38 -22.12 22.65
N ASP A 243 6.87 -22.88 23.63
CA ASP A 243 6.01 -23.47 24.70
C ASP A 243 5.41 -22.44 25.69
N ASP A 244 6.01 -21.25 25.77
CA ASP A 244 5.43 -20.07 26.50
C ASP A 244 4.12 -19.53 25.88
N ILE A 245 3.85 -19.85 24.61
CA ILE A 245 2.55 -19.57 23.98
C ILE A 245 1.50 -20.53 24.59
N THR A 246 0.71 -20.01 25.55
CA THR A 246 -0.52 -20.67 26.05
C THR A 246 -1.83 -19.94 25.62
N GLU A 247 -1.83 -19.42 24.39
CA GLU A 247 -3.00 -19.10 23.60
C GLU A 247 -2.90 -19.91 22.30
N TYR A 248 -4.00 -20.02 21.55
CA TYR A 248 -3.92 -20.57 20.19
C TYR A 248 -3.19 -19.59 19.25
N CYS A 249 -1.91 -19.88 19.00
CA CYS A 249 -1.20 -19.42 17.81
C CYS A 249 -1.32 -20.51 16.77
N PRO A 250 -1.83 -20.21 15.55
CA PRO A 250 -1.84 -21.19 14.46
C PRO A 250 -0.49 -21.81 14.14
N ARG A 251 -0.52 -23.02 13.55
CA ARG A 251 0.70 -23.72 13.13
C ARG A 251 1.54 -22.91 12.13
N GLU A 252 0.88 -22.28 11.18
CA GLU A 252 1.58 -21.64 10.04
C GLU A 252 2.22 -20.30 10.44
N ILE A 253 1.70 -19.62 11.46
CA ILE A 253 2.36 -18.42 12.06
C ILE A 253 3.62 -18.81 12.87
N ILE A 254 3.59 -19.95 13.57
CA ILE A 254 4.80 -20.52 14.22
C ILE A 254 5.86 -20.86 13.15
N SER A 255 5.42 -21.51 12.06
CA SER A 255 6.30 -21.76 10.89
C SER A 255 6.87 -20.47 10.28
N LEU A 256 6.04 -19.43 10.20
CA LEU A 256 6.46 -18.13 9.69
C LEU A 256 7.52 -17.46 10.57
N MET A 257 7.36 -17.52 11.90
CA MET A 257 8.32 -16.87 12.82
C MET A 257 9.67 -17.61 12.88
N LYS A 258 9.64 -18.93 12.85
CA LYS A 258 10.85 -19.76 12.72
C LYS A 258 11.63 -19.53 11.42
N LEU A 259 10.90 -19.35 10.31
CA LEU A 259 11.49 -18.94 9.03
C LEU A 259 12.13 -17.53 9.12
N CYS A 260 11.41 -16.59 9.72
CA CYS A 260 11.87 -15.22 9.85
C CYS A 260 13.02 -15.01 10.86
N TRP A 261 13.13 -15.86 11.91
CA TRP A 261 14.29 -15.85 12.85
C TRP A 261 15.44 -16.84 12.57
N GLU A 262 15.58 -17.29 11.32
CA GLU A 262 16.77 -18.04 10.86
C GLU A 262 18.05 -17.26 11.20
N ALA A 263 19.05 -17.97 11.69
CA ALA A 263 20.39 -17.41 11.99
C ALA A 263 21.04 -16.70 10.80
N ASN A 264 20.94 -17.35 9.62
CA ASN A 264 21.44 -16.84 8.37
C ASN A 264 20.46 -15.83 7.75
N PRO A 265 20.89 -14.54 7.54
CA PRO A 265 19.99 -13.53 6.91
C PRO A 265 19.42 -13.93 5.56
N GLU A 266 20.25 -14.51 4.69
CA GLU A 266 19.84 -15.01 3.37
C GLU A 266 18.72 -16.06 3.40
N ALA A 267 18.65 -16.88 4.45
CA ALA A 267 17.54 -17.83 4.66
C ALA A 267 16.19 -17.18 4.99
N ARG A 268 16.18 -15.93 5.45
CA ARG A 268 14.94 -15.25 5.82
C ARG A 268 14.22 -14.75 4.57
N PRO A 269 12.88 -14.73 4.58
CA PRO A 269 12.13 -14.13 3.46
C PRO A 269 12.22 -12.63 3.51
N THR A 270 11.72 -11.97 2.47
CA THR A 270 11.56 -10.51 2.44
C THR A 270 10.14 -10.19 2.87
N PHE A 271 9.82 -8.90 3.04
CA PHE A 271 8.46 -8.51 3.43
C PHE A 271 7.40 -8.69 2.34
N PRO A 272 7.76 -8.47 1.05
CA PRO A 272 6.85 -8.90 -0.03
C PRO A 272 6.62 -10.39 -0.08
N GLY A 273 7.67 -11.17 0.16
CA GLY A 273 7.58 -12.63 0.34
C GLY A 273 6.72 -13.09 1.50
N ILE A 274 6.78 -12.36 2.61
CA ILE A 274 5.91 -12.61 3.78
C ILE A 274 4.46 -12.33 3.38
N GLU A 275 4.20 -11.13 2.84
CA GLU A 275 2.86 -10.70 2.42
C GLU A 275 2.15 -11.68 1.45
N GLU A 276 2.90 -12.14 0.44
CA GLU A 276 2.39 -13.12 -0.55
C GLU A 276 1.85 -14.41 0.08
N LYS A 277 2.56 -14.90 1.10
CA LYS A 277 2.13 -16.04 1.91
C LYS A 277 1.00 -15.63 2.86
N PHE A 278 1.23 -14.57 3.65
CA PHE A 278 0.39 -14.26 4.82
C PHE A 278 -0.96 -13.65 4.51
N ARG A 279 -1.07 -12.80 3.50
CA ARG A 279 -2.34 -12.15 3.14
C ARG A 279 -3.45 -13.15 2.77
N PRO A 280 -3.17 -14.11 1.85
CA PRO A 280 -4.22 -15.09 1.57
C PRO A 280 -4.52 -16.03 2.75
N PHE A 281 -3.53 -16.28 3.62
CA PHE A 281 -3.76 -17.01 4.87
C PHE A 281 -4.68 -16.23 5.80
N TYR A 282 -4.38 -14.94 5.97
CA TYR A 282 -5.24 -14.04 6.75
C TYR A 282 -6.68 -14.03 6.22
N LEU A 283 -6.84 -13.94 4.91
CA LEU A 283 -8.17 -13.83 4.26
C LEU A 283 -9.01 -15.11 4.36
N SER A 284 -8.39 -16.25 4.03
CA SER A 284 -9.09 -17.55 4.08
C SER A 284 -9.36 -18.03 5.51
N GLN A 285 -8.37 -17.96 6.40
CA GLN A 285 -8.43 -18.59 7.74
C GLN A 285 -8.81 -17.68 8.91
N LEU A 286 -8.30 -16.43 8.92
CA LEU A 286 -8.38 -15.55 10.10
C LEU A 286 -9.43 -14.43 10.07
N GLU A 287 -9.72 -13.87 8.90
CA GLU A 287 -10.67 -12.73 8.78
C GLU A 287 -12.11 -13.14 9.10
N ASN B 1 11.91 -11.40 -10.84
CA ASN B 1 12.09 -11.95 -12.24
C ASN B 1 10.77 -12.42 -12.87
N VAL B 2 10.74 -12.42 -14.21
CA VAL B 2 9.56 -12.83 -14.99
C VAL B 2 9.59 -14.35 -15.16
N ILE B 3 8.44 -14.99 -14.94
CA ILE B 3 8.29 -16.43 -15.21
C ILE B 3 7.97 -16.58 -16.71
N LYS B 4 8.82 -17.33 -17.42
CA LYS B 4 8.59 -17.65 -18.84
C LYS B 4 7.76 -18.94 -18.91
N MET B 5 6.54 -18.84 -19.45
CA MET B 5 5.60 -19.97 -19.59
C MET B 5 5.49 -20.39 -21.05
N LYS B 6 4.90 -21.57 -21.25
CA LYS B 6 4.66 -22.16 -22.57
C LYS B 6 3.16 -22.34 -22.80
N SER B 7 2.76 -22.39 -24.06
CA SER B 7 1.35 -22.61 -24.44
C SER B 7 0.85 -24.03 -24.10
N SER B 8 1.75 -25.03 -24.25
CA SER B 8 1.51 -26.42 -23.82
C SER B 8 1.23 -26.61 -22.32
N ASP B 9 1.70 -25.69 -21.48
CA ASP B 9 1.36 -25.66 -20.06
C ASP B 9 -0.12 -25.37 -19.75
N PHE B 10 -0.87 -24.82 -20.72
CA PHE B 10 -2.30 -24.50 -20.57
C PHE B 10 -3.15 -25.47 -21.40
N LEU B 11 -4.23 -25.99 -20.81
CA LEU B 11 -5.04 -27.06 -21.41
C LEU B 11 -6.05 -26.52 -22.42
N GLU B 12 -6.86 -25.57 -21.98
CA GLU B 12 -7.89 -24.89 -22.79
C GLU B 12 -7.96 -23.40 -22.41
N SER B 13 -8.53 -22.61 -23.34
CA SER B 13 -8.58 -21.14 -23.24
C SER B 13 -9.90 -20.57 -23.81
N ALA B 14 -10.90 -20.41 -22.93
CA ALA B 14 -12.26 -19.96 -23.28
C ALA B 14 -12.39 -18.43 -23.22
N GLU B 15 -12.66 -17.81 -24.39
CA GLU B 15 -12.70 -16.35 -24.56
C GLU B 15 -13.90 -15.75 -23.81
N LEU B 16 -13.63 -14.88 -22.84
CA LEU B 16 -14.69 -14.38 -21.93
C LEU B 16 -15.14 -12.93 -22.25
N ASP B 17 -16.42 -12.64 -21.94
CA ASP B 17 -17.18 -11.50 -22.46
C ASP B 17 -16.77 -10.14 -21.85
N SER B 18 -16.02 -9.36 -22.63
CA SER B 18 -15.87 -7.90 -22.43
C SER B 18 -15.43 -7.17 -23.70
N LYS B 23 -7.02 -11.27 -27.17
CA LYS B 23 -8.24 -11.81 -26.56
C LYS B 23 -7.97 -12.23 -25.11
N VAL B 24 -8.77 -11.70 -24.18
CA VAL B 24 -8.72 -12.07 -22.76
C VAL B 24 -9.54 -13.35 -22.60
N SER B 25 -8.98 -14.35 -21.90
CA SER B 25 -9.60 -15.68 -21.78
C SER B 25 -9.16 -16.42 -20.52
N LEU B 26 -10.03 -17.32 -20.07
CA LEU B 26 -9.79 -18.09 -18.85
C LEU B 26 -8.92 -19.28 -19.22
N ALA B 27 -7.83 -19.49 -18.47
CA ALA B 27 -6.76 -20.45 -18.84
C ALA B 27 -6.39 -21.32 -17.66
N PHE B 28 -6.43 -22.65 -17.82
CA PHE B 28 -6.03 -23.60 -16.78
C PHE B 28 -4.58 -24.07 -17.00
N HIS B 29 -3.68 -23.56 -16.17
CA HIS B 29 -2.30 -24.03 -16.11
C HIS B 29 -2.28 -25.41 -15.47
N ARG B 30 -1.49 -26.32 -16.05
CA ARG B 30 -1.52 -27.77 -15.69
C ARG B 30 -1.09 -28.09 -14.25
N THR B 31 -0.23 -27.26 -13.66
CA THR B 31 0.24 -27.43 -12.25
C THR B 31 -0.22 -26.37 -11.21
N GLN B 32 -0.63 -25.17 -11.69
CA GLN B 32 -0.91 -23.98 -10.84
C GLN B 32 -2.36 -23.43 -10.94
N GLY B 33 -3.24 -24.10 -11.69
CA GLY B 33 -4.65 -23.80 -11.68
C GLY B 33 -5.07 -22.67 -12.59
N LEU B 34 -6.12 -21.97 -12.17
CA LEU B 34 -6.90 -21.09 -13.05
C LEU B 34 -6.21 -19.72 -13.13
N MET B 35 -6.08 -19.20 -14.37
CA MET B 35 -5.46 -17.88 -14.65
C MET B 35 -6.17 -17.18 -15.79
N ILE B 36 -5.88 -15.88 -15.93
CA ILE B 36 -6.32 -15.05 -17.06
C ILE B 36 -5.13 -14.89 -18.00
N MET B 37 -5.43 -14.84 -19.29
CA MET B 37 -4.43 -14.80 -20.36
C MET B 37 -4.88 -13.75 -21.38
N LYS B 38 -4.16 -12.62 -21.41
CA LYS B 38 -4.30 -11.66 -22.49
C LYS B 38 -3.29 -12.07 -23.57
N THR B 39 -3.78 -12.65 -24.67
CA THR B 39 -2.99 -12.97 -25.86
C THR B 39 -2.97 -11.74 -26.75
N VAL B 40 -1.82 -11.07 -26.79
CA VAL B 40 -1.72 -9.71 -27.33
C VAL B 40 -1.55 -9.73 -28.85
N TYR B 41 -0.72 -10.64 -29.36
CA TYR B 41 -0.46 -10.84 -30.79
C TYR B 41 -0.49 -12.35 -31.11
N LYS B 42 -1.12 -12.69 -32.24
CA LYS B 42 -1.02 -14.01 -32.88
C LYS B 42 -0.88 -13.80 -34.38
N GLY B 43 0.14 -14.41 -35.00
CA GLY B 43 0.47 -14.18 -36.41
C GLY B 43 1.75 -14.85 -36.88
N PRO B 44 2.30 -14.40 -38.04
CA PRO B 44 3.62 -14.88 -38.50
C PRO B 44 4.79 -14.42 -37.61
N ASN B 45 5.87 -15.17 -37.67
CA ASN B 45 7.02 -14.99 -36.77
C ASN B 45 7.90 -13.80 -37.19
N CYS B 46 7.92 -12.76 -36.35
CA CYS B 46 8.88 -11.64 -36.45
C CYS B 46 9.41 -11.33 -35.03
N ILE B 47 10.69 -11.62 -34.81
CA ILE B 47 11.33 -11.59 -33.47
C ILE B 47 12.06 -10.25 -33.15
N GLU B 48 11.44 -9.14 -33.57
CA GLU B 48 12.10 -7.83 -33.61
C GLU B 48 12.22 -7.17 -32.24
N HIS B 49 11.09 -7.08 -31.52
CA HIS B 49 11.00 -6.35 -30.24
C HIS B 49 11.12 -7.21 -28.95
N ASN B 50 11.61 -8.46 -29.05
CA ASN B 50 11.58 -9.43 -27.93
C ASN B 50 12.36 -8.99 -26.69
N GLU B 51 13.48 -8.28 -26.89
CA GLU B 51 14.27 -7.70 -25.79
C GLU B 51 13.51 -6.62 -25.02
N ALA B 52 12.83 -5.73 -25.75
CA ALA B 52 12.04 -4.65 -25.16
C ALA B 52 10.74 -5.14 -24.54
N LEU B 53 10.09 -6.14 -25.15
CA LEU B 53 8.89 -6.77 -24.57
C LEU B 53 9.17 -7.49 -23.25
N LEU B 54 10.28 -8.24 -23.20
CA LEU B 54 10.69 -8.91 -21.95
C LEU B 54 11.13 -7.92 -20.85
N GLU B 55 11.85 -6.86 -21.23
CA GLU B 55 12.24 -5.80 -20.28
C GLU B 55 11.03 -5.00 -19.77
N GLU B 56 10.05 -4.78 -20.65
CA GLU B 56 8.76 -4.20 -20.27
C GLU B 56 7.92 -5.15 -19.41
N ALA B 57 8.00 -6.45 -19.68
CA ALA B 57 7.41 -7.49 -18.81
C ALA B 57 8.05 -7.51 -17.40
N LYS B 58 9.37 -7.30 -17.33
CA LYS B 58 10.09 -7.17 -16.05
C LYS B 58 9.60 -5.97 -15.24
N MET B 59 9.43 -4.84 -15.91
CA MET B 59 8.95 -3.59 -15.29
C MET B 59 7.54 -3.72 -14.70
N MET B 60 6.64 -4.33 -15.45
CA MET B 60 5.28 -4.63 -14.97
C MET B 60 5.27 -5.71 -13.84
N ASN B 61 6.25 -6.60 -13.80
CA ASN B 61 6.42 -7.55 -12.68
C ASN B 61 6.92 -6.90 -11.38
N ARG B 62 7.67 -5.82 -11.48
CA ARG B 62 8.18 -5.05 -10.33
C ARG B 62 7.05 -4.36 -9.52
N LEU B 63 5.87 -4.14 -10.12
CA LEU B 63 4.72 -3.50 -9.49
C LEU B 63 3.86 -4.52 -8.71
N ARG B 64 4.25 -4.72 -7.45
CA ARG B 64 3.67 -5.71 -6.55
C ARG B 64 2.93 -4.99 -5.41
N HIS B 65 1.63 -5.22 -5.33
CA HIS B 65 0.78 -4.63 -4.28
C HIS B 65 -0.54 -5.40 -4.18
N SER B 66 -1.09 -5.48 -2.97
CA SER B 66 -2.35 -6.23 -2.73
C SER B 66 -3.56 -5.77 -3.54
N ARG B 67 -3.55 -4.49 -3.95
CA ARG B 67 -4.60 -3.89 -4.79
C ARG B 67 -4.22 -3.70 -6.25
N VAL B 68 -3.17 -4.37 -6.72
CA VAL B 68 -2.74 -4.32 -8.10
C VAL B 68 -2.64 -5.76 -8.60
N VAL B 69 -3.16 -5.99 -9.81
CA VAL B 69 -3.17 -7.31 -10.44
C VAL B 69 -1.72 -7.69 -10.78
N LYS B 70 -1.29 -8.83 -10.24
CA LYS B 70 0.02 -9.41 -10.51
C LYS B 70 0.07 -10.03 -11.90
N LEU B 71 1.13 -9.72 -12.65
CA LEU B 71 1.52 -10.48 -13.83
C LEU B 71 2.19 -11.75 -13.30
N LEU B 72 1.65 -12.92 -13.66
CA LEU B 72 2.18 -14.21 -13.20
C LEU B 72 3.23 -14.76 -14.17
N GLY B 73 3.02 -14.57 -15.46
CA GLY B 73 3.97 -14.97 -16.47
C GLY B 73 3.75 -14.37 -17.85
N VAL B 74 4.68 -14.67 -18.75
CA VAL B 74 4.60 -14.31 -20.17
C VAL B 74 4.83 -15.55 -21.04
N ILE B 75 4.13 -15.62 -22.17
CA ILE B 75 4.39 -16.62 -23.21
C ILE B 75 5.04 -15.84 -24.34
N ILE B 76 6.33 -16.08 -24.57
CA ILE B 76 7.12 -15.45 -25.64
C ILE B 76 7.56 -16.60 -26.55
N GLU B 77 6.75 -16.87 -27.58
CA GLU B 77 7.01 -17.93 -28.58
C GLU B 77 6.94 -17.38 -30.00
N GLU B 78 7.35 -18.23 -30.96
CA GLU B 78 7.35 -17.88 -32.40
C GLU B 78 5.93 -17.57 -32.93
N GLY B 79 5.64 -16.29 -33.14
CA GLY B 79 4.33 -15.83 -33.59
C GLY B 79 3.18 -15.83 -32.59
N LYS B 80 3.48 -15.86 -31.29
CA LYS B 80 2.47 -15.63 -30.23
C LYS B 80 3.07 -15.05 -28.94
N TYR B 81 2.58 -13.87 -28.56
CA TYR B 81 3.02 -13.13 -27.38
C TYR B 81 1.79 -12.92 -26.48
N SER B 82 1.82 -13.52 -25.28
CA SER B 82 0.74 -13.39 -24.29
C SER B 82 1.26 -12.90 -22.95
N LEU B 83 0.43 -12.12 -22.27
CA LEU B 83 0.56 -11.80 -20.85
C LEU B 83 -0.36 -12.76 -20.08
N VAL B 84 0.09 -13.20 -18.91
CA VAL B 84 -0.63 -14.14 -18.05
C VAL B 84 -0.73 -13.48 -16.67
N MET B 85 -1.95 -13.40 -16.16
CA MET B 85 -2.26 -12.67 -14.92
C MET B 85 -3.20 -13.47 -14.05
N GLU B 86 -3.28 -13.06 -12.79
CA GLU B 86 -4.08 -13.73 -11.79
C GLU B 86 -5.58 -13.62 -12.06
N TYR B 87 -6.32 -14.56 -11.49
CA TYR B 87 -7.73 -14.76 -11.77
C TYR B 87 -8.55 -14.09 -10.67
N MET B 88 -9.52 -13.29 -11.09
CA MET B 88 -10.40 -12.54 -10.19
C MET B 88 -11.82 -12.91 -10.54
N GLU B 89 -12.42 -13.69 -9.65
CA GLU B 89 -13.59 -14.54 -9.96
C GLU B 89 -14.85 -13.77 -10.40
N LYS B 90 -15.14 -12.66 -9.73
CA LYS B 90 -16.35 -11.86 -10.01
C LYS B 90 -16.26 -10.92 -11.23
N GLY B 91 -15.13 -10.89 -11.93
CA GLY B 91 -14.96 -10.11 -13.15
C GLY B 91 -14.66 -8.67 -12.78
N ASN B 92 -14.98 -7.76 -13.71
CA ASN B 92 -14.73 -6.34 -13.48
C ASN B 92 -15.78 -5.67 -12.55
N LEU B 93 -15.49 -4.44 -12.14
CA LEU B 93 -16.34 -3.71 -11.18
C LEU B 93 -17.77 -3.45 -11.69
N MET B 94 -17.93 -3.08 -12.95
CA MET B 94 -19.26 -2.77 -13.52
C MET B 94 -20.13 -4.02 -13.62
N HIS B 95 -19.52 -5.16 -13.99
CA HIS B 95 -20.17 -6.47 -13.96
C HIS B 95 -20.73 -6.86 -12.56
N VAL B 96 -20.00 -6.54 -11.50
CA VAL B 96 -20.45 -6.77 -10.13
C VAL B 96 -21.57 -5.81 -9.70
N LEU B 97 -21.44 -4.53 -10.07
CA LEU B 97 -22.48 -3.51 -9.75
C LEU B 97 -23.83 -3.75 -10.42
N LYS B 98 -23.84 -4.42 -11.58
CA LYS B 98 -25.10 -4.77 -12.29
C LYS B 98 -25.80 -6.08 -11.86
N ALA B 99 -25.16 -6.90 -11.02
CA ALA B 99 -25.67 -8.23 -10.63
C ALA B 99 -26.93 -8.19 -9.76
N GLU B 100 -27.66 -9.31 -9.74
CA GLU B 100 -28.98 -9.42 -9.09
C GLU B 100 -28.91 -9.26 -7.56
N MET B 101 -27.90 -9.86 -6.93
CA MET B 101 -27.63 -9.67 -5.50
C MET B 101 -26.94 -8.32 -5.34
N SER B 102 -27.58 -7.39 -4.60
CA SER B 102 -27.10 -6.01 -4.47
C SER B 102 -25.92 -5.95 -3.49
N THR B 103 -24.98 -5.05 -3.78
CA THR B 103 -23.78 -4.84 -2.97
C THR B 103 -24.11 -3.80 -1.89
N PRO B 104 -23.91 -4.12 -0.59
CA PRO B 104 -24.16 -3.10 0.44
C PRO B 104 -23.15 -1.95 0.49
N LEU B 105 -23.51 -0.92 1.26
CA LEU B 105 -22.71 0.29 1.43
C LEU B 105 -21.31 0.06 2.02
N SER B 106 -21.17 -0.90 2.94
CA SER B 106 -19.88 -1.23 3.57
C SER B 106 -18.89 -1.80 2.57
N VAL B 107 -19.37 -2.67 1.69
CA VAL B 107 -18.54 -3.29 0.63
C VAL B 107 -18.13 -2.22 -0.38
N LYS B 108 -19.08 -1.38 -0.81
CA LYS B 108 -18.80 -0.23 -1.68
C LYS B 108 -17.72 0.70 -1.10
N GLY B 109 -17.88 1.04 0.19
CA GLY B 109 -16.88 1.82 0.93
C GLY B 109 -15.48 1.22 0.93
N ARG B 110 -15.43 -0.09 1.12
CA ARG B 110 -14.19 -0.85 1.10
C ARG B 110 -13.58 -0.90 -0.29
N ILE B 111 -14.41 -1.13 -1.31
CA ILE B 111 -14.00 -1.03 -2.73
C ILE B 111 -13.33 0.32 -3.03
N ILE B 112 -13.90 1.42 -2.55
CA ILE B 112 -13.36 2.79 -2.83
C ILE B 112 -12.00 2.99 -2.14
N LEU B 113 -11.88 2.56 -0.90
CA LEU B 113 -10.61 2.66 -0.17
C LEU B 113 -9.50 1.77 -0.78
N GLU B 114 -9.85 0.58 -1.23
CA GLU B 114 -8.89 -0.30 -1.93
C GLU B 114 -8.42 0.30 -3.25
N ILE B 115 -9.35 0.93 -3.98
CA ILE B 115 -9.05 1.71 -5.20
C ILE B 115 -8.04 2.83 -4.87
N ILE B 116 -8.27 3.55 -3.77
CA ILE B 116 -7.37 4.63 -3.33
C ILE B 116 -5.97 4.10 -2.98
N GLU B 117 -5.92 3.01 -2.20
CA GLU B 117 -4.66 2.34 -1.82
C GLU B 117 -3.83 1.96 -3.05
N GLY B 118 -4.48 1.30 -4.01
CA GLY B 118 -3.84 0.88 -5.25
C GLY B 118 -3.34 2.02 -6.13
N MET B 119 -4.15 3.06 -6.28
CA MET B 119 -3.74 4.27 -7.02
C MET B 119 -2.58 5.03 -6.35
N ALA B 120 -2.61 5.08 -5.02
CA ALA B 120 -1.50 5.60 -4.22
C ALA B 120 -0.19 4.81 -4.36
N TYR B 121 -0.31 3.48 -4.45
CA TYR B 121 0.86 2.62 -4.70
C TYR B 121 1.50 2.98 -6.04
N LEU B 122 0.70 2.97 -7.10
CA LEU B 122 1.14 3.28 -8.48
C LEU B 122 1.74 4.67 -8.63
N HIS B 123 1.07 5.67 -8.08
CA HIS B 123 1.59 7.07 -8.08
C HIS B 123 2.87 7.23 -7.26
N GLY B 124 2.97 6.48 -6.16
CA GLY B 124 4.19 6.38 -5.35
C GLY B 124 5.41 5.81 -6.06
N LYS B 125 5.19 4.92 -7.04
CA LYS B 125 6.24 4.39 -7.92
C LYS B 125 6.34 5.15 -9.28
N GLY B 126 5.83 6.38 -9.36
CA GLY B 126 5.87 7.19 -10.57
C GLY B 126 4.98 6.80 -11.75
N VAL B 127 4.07 5.83 -11.57
CA VAL B 127 3.19 5.32 -12.65
C VAL B 127 1.90 6.14 -12.69
N ILE B 128 1.60 6.74 -13.84
CA ILE B 128 0.26 7.29 -14.14
C ILE B 128 -0.46 6.18 -14.88
N HIS B 129 -1.67 5.83 -14.42
CA HIS B 129 -2.48 4.78 -15.07
C HIS B 129 -2.88 5.17 -16.48
N LYS B 130 -3.42 6.40 -16.60
CA LYS B 130 -3.90 7.00 -17.85
C LYS B 130 -5.26 6.48 -18.37
N ASP B 131 -5.84 5.46 -17.71
CA ASP B 131 -7.04 4.75 -18.19
C ASP B 131 -7.79 4.03 -17.03
N LEU B 132 -7.95 4.73 -15.91
CA LEU B 132 -8.69 4.18 -14.76
C LEU B 132 -10.17 4.18 -15.13
N LYS B 133 -10.80 3.02 -14.95
CA LYS B 133 -12.21 2.83 -15.31
C LYS B 133 -12.70 1.51 -14.68
N PRO B 134 -14.03 1.35 -14.48
CA PRO B 134 -14.58 0.11 -13.91
C PRO B 134 -14.07 -1.19 -14.55
N GLU B 135 -13.93 -1.22 -15.88
CA GLU B 135 -13.33 -2.38 -16.62
C GLU B 135 -11.94 -2.81 -16.15
N ASN B 136 -11.14 -1.85 -15.66
CA ASN B 136 -9.81 -2.09 -15.09
C ASN B 136 -9.78 -2.36 -13.56
N ILE B 137 -10.94 -2.54 -12.92
CA ILE B 137 -11.03 -2.84 -11.49
C ILE B 137 -11.65 -4.21 -11.46
N LEU B 138 -10.86 -5.18 -11.06
CA LEU B 138 -11.26 -6.58 -11.02
C LEU B 138 -11.56 -6.94 -9.58
N VAL B 139 -12.46 -7.90 -9.38
CA VAL B 139 -13.05 -8.21 -8.08
C VAL B 139 -12.91 -9.71 -7.84
N ASP B 140 -12.39 -10.11 -6.66
CA ASP B 140 -12.36 -11.52 -6.23
C ASP B 140 -13.67 -11.94 -5.51
N ASN B 141 -13.79 -13.22 -5.18
CA ASN B 141 -15.03 -13.77 -4.55
C ASN B 141 -15.40 -13.20 -3.14
N ASP B 142 -14.40 -12.68 -2.43
CA ASP B 142 -14.60 -11.92 -1.17
C ASP B 142 -14.84 -10.39 -1.37
N PHE B 143 -15.11 -9.95 -2.61
CA PHE B 143 -15.29 -8.53 -2.98
C PHE B 143 -14.08 -7.60 -2.83
N HIS B 144 -12.88 -8.17 -2.64
CA HIS B 144 -11.67 -7.37 -2.62
C HIS B 144 -11.29 -7.13 -4.08
N ILE B 145 -10.80 -5.92 -4.35
CA ILE B 145 -10.46 -5.48 -5.71
C ILE B 145 -8.97 -5.41 -6.01
N LYS B 146 -8.65 -5.49 -7.30
CA LYS B 146 -7.31 -5.21 -7.81
C LYS B 146 -7.39 -4.41 -9.10
N ILE B 147 -6.58 -3.35 -9.19
CA ILE B 147 -6.47 -2.52 -10.39
C ILE B 147 -5.61 -3.24 -11.43
N ALA B 148 -6.08 -3.23 -12.69
CA ALA B 148 -5.36 -3.75 -13.86
C ALA B 148 -5.14 -2.63 -14.89
N ASP B 149 -4.30 -2.89 -15.89
N ASP B 149 -4.30 -2.90 -15.90
CA ASP B 149 -4.07 -1.99 -17.03
CA ASP B 149 -4.05 -1.99 -17.03
C ASP B 149 -4.25 -2.83 -18.28
C ASP B 149 -4.26 -2.80 -18.30
N LEU B 150 -5.50 -3.24 -18.50
CA LEU B 150 -5.88 -4.10 -19.63
C LEU B 150 -5.74 -3.43 -21.03
N GLY B 151 -5.80 -2.09 -21.09
CA GLY B 151 -5.49 -1.33 -22.32
C GLY B 151 -4.01 -1.07 -22.61
N LEU B 152 -3.13 -1.51 -21.71
CA LEU B 152 -1.68 -1.41 -21.83
C LEU B 152 -1.18 0.04 -21.99
N ALA B 153 -1.84 0.96 -21.30
CA ALA B 153 -1.52 2.39 -21.35
C ALA B 153 -0.14 2.75 -20.82
N SER B 154 0.34 1.99 -19.81
CA SER B 154 1.68 2.18 -19.23
C SER B 154 2.83 1.43 -19.95
N PHE B 155 2.52 0.66 -21.01
CA PHE B 155 3.45 -0.30 -21.62
C PHE B 155 3.36 -0.20 -23.16
N LYS B 156 4.20 0.67 -23.71
CA LYS B 156 4.12 1.09 -25.13
C LYS B 156 4.41 -0.01 -26.15
N MET B 157 5.42 -0.82 -25.87
CA MET B 157 5.85 -1.90 -26.78
C MET B 157 4.83 -3.03 -26.92
N TRP B 158 4.26 -3.45 -25.80
CA TRP B 158 3.12 -4.40 -25.82
C TRP B 158 1.84 -3.80 -26.44
N SER B 159 1.59 -2.50 -26.24
CA SER B 159 0.42 -1.84 -26.84
C SER B 159 0.57 -1.66 -28.37
N LYS B 160 1.75 -1.21 -28.80
CA LYS B 160 2.11 -1.13 -30.23
C LYS B 160 2.17 -2.49 -30.95
N LEU B 161 2.55 -3.55 -30.22
CA LEU B 161 2.49 -4.93 -30.72
C LEU B 161 1.08 -5.41 -31.10
N ASN B 162 0.04 -4.89 -30.43
CA ASN B 162 -1.37 -5.16 -30.78
C ASN B 162 -1.68 -4.54 -32.14
N ASN B 163 -1.48 -3.23 -32.25
CA ASN B 163 -1.73 -2.48 -33.50
C ASN B 163 -0.60 -2.73 -34.53
N GLU B 164 -0.65 -3.89 -35.18
CA GLU B 164 0.31 -4.31 -36.20
C GLU B 164 -0.40 -4.97 -37.39
N GLU B 165 0.17 -4.79 -38.58
CA GLU B 165 -0.38 -5.35 -39.85
C GLU B 165 -0.37 -6.89 -39.91
N HIS B 166 0.71 -7.50 -39.41
CA HIS B 166 0.85 -8.97 -39.33
C HIS B 166 -0.14 -9.68 -38.37
N ASN B 167 -0.64 -8.96 -37.36
CA ASN B 167 -1.48 -9.55 -36.31
C ASN B 167 -2.87 -9.97 -36.80
N GLU B 168 -3.18 -11.26 -36.66
CA GLU B 168 -4.54 -11.79 -36.87
C GLU B 168 -5.52 -11.27 -35.81
N LEU B 169 -5.08 -11.22 -34.55
CA LEU B 169 -5.87 -10.69 -33.43
C LEU B 169 -5.65 -9.16 -33.26
N ARG B 170 -5.84 -8.40 -34.34
CA ARG B 170 -5.58 -6.95 -34.36
C ARG B 170 -6.76 -6.18 -33.78
N GLU B 171 -6.46 -5.08 -33.08
CA GLU B 171 -7.46 -4.12 -32.61
C GLU B 171 -7.79 -3.16 -33.77
N VAL B 172 -9.02 -3.27 -34.30
CA VAL B 172 -9.50 -2.43 -35.41
C VAL B 172 -9.86 -1.05 -34.83
N ASP B 173 -9.06 -0.03 -35.17
CA ASP B 173 -9.26 1.34 -34.71
C ASP B 173 -8.68 2.35 -35.70
N GLY B 181 -16.45 3.81 -24.02
CA GLY B 181 -16.08 3.10 -22.81
C GLY B 181 -14.98 3.80 -22.05
N THR B 182 -13.87 4.05 -22.74
CA THR B 182 -12.75 4.83 -22.21
C THR B 182 -13.13 6.30 -21.93
N LEU B 183 -13.86 6.92 -22.87
CA LEU B 183 -14.13 8.38 -22.85
C LEU B 183 -15.05 8.91 -21.75
N TYR B 184 -15.88 8.06 -21.15
CA TYR B 184 -16.65 8.45 -19.94
C TYR B 184 -15.75 8.79 -18.73
N TYR B 185 -14.58 8.16 -18.65
CA TYR B 185 -13.65 8.27 -17.51
C TYR B 185 -12.36 9.06 -17.82
N MET B 186 -12.24 9.58 -19.03
CA MET B 186 -11.09 10.36 -19.47
C MET B 186 -11.35 11.84 -19.14
N ALA B 187 -10.39 12.45 -18.45
CA ALA B 187 -10.47 13.83 -18.02
C ALA B 187 -10.59 14.79 -19.21
N PRO B 188 -11.38 15.89 -19.06
CA PRO B 188 -11.68 16.80 -20.19
C PRO B 188 -10.48 17.41 -20.90
N GLU B 189 -9.41 17.69 -20.16
CA GLU B 189 -8.12 18.08 -20.75
C GLU B 189 -7.56 17.13 -21.85
N HIS B 190 -7.89 15.85 -21.80
CA HIS B 190 -7.47 14.83 -22.79
C HIS B 190 -8.46 14.52 -23.93
N LEU B 191 -9.72 14.95 -23.80
CA LEU B 191 -10.74 14.71 -24.85
C LEU B 191 -10.45 15.63 -26.04
N ASN B 192 -10.34 15.07 -27.25
CA ASN B 192 -9.86 15.79 -28.47
C ASN B 192 -8.50 16.50 -28.27
N ASP B 193 -7.59 15.79 -27.62
CA ASP B 193 -6.25 16.32 -27.28
C ASP B 193 -5.30 15.13 -27.04
N VAL B 194 -4.88 14.52 -28.14
CA VAL B 194 -4.01 13.32 -28.12
C VAL B 194 -2.57 13.63 -27.67
N ASN B 195 -2.12 14.87 -27.88
CA ASN B 195 -0.75 15.28 -27.52
C ASN B 195 -0.52 15.54 -26.02
N ALA B 196 -1.56 15.93 -25.28
CA ALA B 196 -1.42 16.30 -23.84
C ALA B 196 -0.93 15.14 -22.96
N LYS B 197 0.07 15.43 -22.11
CA LYS B 197 0.70 14.42 -21.24
C LYS B 197 -0.23 14.19 -20.06
N PRO B 198 -0.66 12.92 -19.81
CA PRO B 198 -1.40 12.64 -18.57
C PRO B 198 -0.57 12.76 -17.31
N THR B 199 -1.25 13.09 -16.21
CA THR B 199 -0.65 13.33 -14.91
C THR B 199 -1.39 12.48 -13.87
N GLU B 200 -0.89 12.54 -12.64
CA GLU B 200 -1.60 12.00 -11.48
C GLU B 200 -3.04 12.55 -11.37
N LYS B 201 -3.22 13.84 -11.71
CA LYS B 201 -4.53 14.49 -11.72
C LYS B 201 -5.54 13.94 -12.75
N SER B 202 -5.05 13.47 -13.89
CA SER B 202 -5.88 12.78 -14.89
C SER B 202 -6.59 11.53 -14.33
N ASP B 203 -5.85 10.72 -13.55
CA ASP B 203 -6.39 9.57 -12.83
C ASP B 203 -7.39 9.91 -11.73
N VAL B 204 -7.17 11.03 -11.04
CA VAL B 204 -8.11 11.51 -10.01
C VAL B 204 -9.48 11.85 -10.65
N TYR B 205 -9.47 12.42 -11.86
CA TYR B 205 -10.73 12.59 -12.61
C TYR B 205 -11.46 11.26 -12.87
N SER B 206 -10.73 10.27 -13.36
CA SER B 206 -11.29 8.96 -13.67
C SER B 206 -11.96 8.35 -12.41
N PHE B 207 -11.20 8.32 -11.31
CA PHE B 207 -11.67 7.97 -9.96
C PHE B 207 -13.00 8.64 -9.58
N ALA B 208 -13.09 9.94 -9.82
CA ALA B 208 -14.32 10.73 -9.58
C ALA B 208 -15.52 10.13 -10.28
N VAL B 209 -15.32 9.76 -11.55
CA VAL B 209 -16.39 9.16 -12.35
C VAL B 209 -16.65 7.71 -11.88
N VAL B 210 -15.59 6.98 -11.50
CA VAL B 210 -15.73 5.64 -10.86
C VAL B 210 -16.56 5.69 -9.56
N LEU B 211 -16.44 6.77 -8.78
CA LEU B 211 -17.21 6.94 -7.53
C LEU B 211 -18.69 7.02 -7.84
N TRP B 212 -19.06 7.94 -8.73
CA TRP B 212 -20.43 8.08 -9.25
C TRP B 212 -21.03 6.72 -9.71
N ALA B 213 -20.28 6.02 -10.56
CA ALA B 213 -20.68 4.70 -11.07
C ALA B 213 -20.95 3.66 -9.97
N ILE B 214 -20.13 3.71 -8.91
CA ILE B 214 -20.31 2.82 -7.75
C ILE B 214 -21.66 3.04 -7.04
N PHE B 215 -22.11 4.29 -6.95
CA PHE B 215 -23.44 4.61 -6.36
C PHE B 215 -24.62 4.65 -7.32
N ALA B 216 -24.33 4.71 -8.63
CA ALA B 216 -25.37 4.62 -9.66
C ALA B 216 -25.70 3.18 -10.10
N ASN B 217 -24.77 2.24 -9.96
CA ASN B 217 -24.92 0.86 -10.49
C ASN B 217 -25.10 0.81 -12.01
N LYS B 218 -24.38 1.68 -12.70
CA LYS B 218 -24.39 1.79 -14.18
C LYS B 218 -23.30 2.74 -14.70
N GLU B 219 -23.09 2.74 -16.02
CA GLU B 219 -22.19 3.70 -16.69
C GLU B 219 -22.87 5.09 -16.70
N PRO B 220 -22.10 6.20 -16.63
CA PRO B 220 -22.68 7.54 -16.81
C PRO B 220 -23.12 7.87 -18.25
N TYR B 221 -23.86 8.97 -18.37
CA TYR B 221 -24.20 9.63 -19.65
C TYR B 221 -25.06 8.78 -20.61
N GLU B 222 -25.99 8.01 -20.04
CA GLU B 222 -26.92 7.16 -20.80
C GLU B 222 -27.69 7.90 -21.91
N ASN B 223 -28.09 9.15 -21.66
CA ASN B 223 -28.85 9.97 -22.61
C ASN B 223 -28.07 10.66 -23.75
N ALA B 224 -26.73 10.61 -23.72
CA ALA B 224 -25.92 11.10 -24.85
C ALA B 224 -26.18 10.26 -26.13
N ILE B 225 -26.22 10.95 -27.27
CA ILE B 225 -26.61 10.42 -28.58
C ILE B 225 -25.38 10.16 -29.45
N ALA B 226 -24.51 11.16 -29.55
CA ALA B 226 -23.31 11.10 -30.36
C ALA B 226 -22.08 11.40 -29.52
N GLU B 227 -20.94 10.99 -30.06
CA GLU B 227 -19.65 10.99 -29.37
C GLU B 227 -19.12 12.41 -29.18
N GLN B 228 -19.14 13.17 -30.27
CA GLN B 228 -18.81 14.59 -30.27
C GLN B 228 -19.72 15.46 -29.41
N GLN B 229 -21.01 15.12 -29.32
CA GLN B 229 -21.93 15.76 -28.36
C GLN B 229 -21.41 15.64 -26.92
N LEU B 230 -21.07 14.42 -26.55
CA LEU B 230 -20.57 14.08 -25.23
C LEU B 230 -19.20 14.68 -24.91
N ILE B 231 -18.27 14.59 -25.86
CA ILE B 231 -16.90 15.13 -25.69
C ILE B 231 -16.96 16.60 -25.37
N MET B 232 -17.62 17.35 -26.25
CA MET B 232 -17.77 18.81 -26.10
C MET B 232 -18.55 19.20 -24.86
N ALA B 233 -19.60 18.42 -24.51
CA ALA B 233 -20.34 18.62 -23.26
C ALA B 233 -19.45 18.51 -22.05
N ILE B 234 -18.64 17.44 -22.00
CA ILE B 234 -17.74 17.21 -20.85
C ILE B 234 -16.65 18.31 -20.77
N LYS B 235 -16.05 18.66 -21.91
CA LYS B 235 -15.07 19.76 -21.99
C LYS B 235 -15.60 21.11 -21.52
N SER B 236 -16.89 21.36 -21.74
CA SER B 236 -17.58 22.57 -21.28
C SER B 236 -18.30 22.41 -19.92
N GLY B 237 -17.84 21.51 -19.06
CA GLY B 237 -18.35 21.38 -17.68
C GLY B 237 -19.31 20.26 -17.31
N ASN B 238 -19.92 19.57 -18.27
CA ASN B 238 -20.91 18.51 -17.97
C ASN B 238 -20.26 17.28 -17.33
N ARG B 239 -20.95 16.75 -16.33
CA ARG B 239 -20.48 15.64 -15.51
C ARG B 239 -21.59 14.60 -15.39
N PRO B 240 -21.29 13.44 -14.76
CA PRO B 240 -22.39 12.48 -14.47
C PRO B 240 -23.52 13.09 -13.62
N ASP B 241 -24.77 12.70 -13.88
CA ASP B 241 -25.94 13.31 -13.22
C ASP B 241 -26.04 12.77 -11.78
N VAL B 242 -25.83 13.67 -10.83
CA VAL B 242 -25.81 13.34 -9.40
C VAL B 242 -27.22 12.98 -8.89
N ASP B 243 -28.27 13.56 -9.48
CA ASP B 243 -29.67 13.22 -9.14
C ASP B 243 -30.12 11.82 -9.61
N ASP B 244 -29.42 11.26 -10.60
CA ASP B 244 -29.61 9.87 -11.04
C ASP B 244 -29.11 8.80 -10.04
N ILE B 245 -28.37 9.20 -9.00
CA ILE B 245 -28.10 8.34 -7.84
C ILE B 245 -29.40 8.14 -7.04
N THR B 246 -30.02 6.97 -7.23
CA THR B 246 -31.29 6.59 -6.58
C THR B 246 -31.06 6.25 -5.11
N GLU B 247 -30.13 5.31 -4.88
CA GLU B 247 -29.85 4.75 -3.54
C GLU B 247 -29.01 5.73 -2.70
N TYR B 248 -28.95 5.49 -1.40
CA TYR B 248 -28.22 6.31 -0.45
C TYR B 248 -26.72 6.32 -0.71
N CYS B 249 -26.26 7.40 -1.35
CA CYS B 249 -24.85 7.80 -1.35
C CYS B 249 -24.71 8.89 -0.31
N PRO B 250 -23.77 8.75 0.65
CA PRO B 250 -23.53 9.82 1.63
C PRO B 250 -23.14 11.15 1.02
N ARG B 251 -23.38 12.23 1.77
CA ARG B 251 -23.03 13.60 1.38
C ARG B 251 -21.53 13.76 1.10
N GLU B 252 -20.69 13.15 1.94
CA GLU B 252 -19.23 13.26 1.84
C GLU B 252 -18.61 12.64 0.60
N ILE B 253 -19.18 11.53 0.14
CA ILE B 253 -18.76 10.88 -1.12
C ILE B 253 -19.19 11.68 -2.36
N ILE B 254 -20.38 12.29 -2.33
CA ILE B 254 -20.82 13.21 -3.40
C ILE B 254 -19.89 14.43 -3.48
N SER B 255 -19.58 15.02 -2.33
CA SER B 255 -18.59 16.09 -2.22
C SER B 255 -17.21 15.69 -2.72
N LEU B 256 -16.80 14.46 -2.42
CA LEU B 256 -15.53 13.94 -2.90
C LEU B 256 -15.47 13.79 -4.43
N MET B 257 -16.55 13.28 -5.05
CA MET B 257 -16.56 13.10 -6.52
C MET B 257 -16.61 14.43 -7.29
N LYS B 258 -17.38 15.39 -6.80
CA LYS B 258 -17.37 16.77 -7.33
C LYS B 258 -16.02 17.48 -7.24
N LEU B 259 -15.32 17.27 -6.13
CA LEU B 259 -13.96 17.77 -5.94
C LEU B 259 -12.96 17.10 -6.91
N CYS B 260 -13.08 15.79 -7.05
CA CYS B 260 -12.20 15.03 -7.94
C CYS B 260 -12.47 15.24 -9.45
N TRP B 261 -13.71 15.59 -9.85
CA TRP B 261 -14.03 15.99 -11.27
C TRP B 261 -14.01 17.50 -11.61
N GLU B 262 -13.29 18.28 -10.81
CA GLU B 262 -13.01 19.67 -11.13
C GLU B 262 -12.42 19.84 -12.53
N ALA B 263 -12.89 20.87 -13.26
CA ALA B 263 -12.38 21.22 -14.59
C ALA B 263 -10.86 21.44 -14.60
N ASN B 264 -10.37 22.22 -13.62
CA ASN B 264 -8.93 22.53 -13.46
C ASN B 264 -8.28 21.38 -12.67
N PRO B 265 -7.25 20.70 -13.25
CA PRO B 265 -6.50 19.67 -12.53
C PRO B 265 -5.96 20.05 -11.17
N GLU B 266 -5.37 21.23 -11.03
CA GLU B 266 -4.79 21.65 -9.73
C GLU B 266 -5.83 21.83 -8.59
N ALA B 267 -7.08 22.13 -8.93
CA ALA B 267 -8.19 22.09 -7.95
C ALA B 267 -8.55 20.68 -7.40
N ARG B 268 -8.16 19.62 -8.10
CA ARG B 268 -8.43 18.26 -7.64
C ARG B 268 -7.40 17.89 -6.56
N PRO B 269 -7.79 17.05 -5.56
CA PRO B 269 -6.82 16.56 -4.59
C PRO B 269 -5.93 15.48 -5.21
N THR B 270 -4.91 15.06 -4.49
CA THR B 270 -4.10 13.89 -4.88
C THR B 270 -4.60 12.68 -4.07
N PHE B 271 -4.09 11.50 -4.40
CA PHE B 271 -4.62 10.25 -3.80
C PHE B 271 -4.25 10.04 -2.33
N PRO B 272 -3.05 10.46 -1.91
CA PRO B 272 -2.75 10.53 -0.46
C PRO B 272 -3.65 11.48 0.32
N GLY B 273 -3.94 12.63 -0.28
CA GLY B 273 -4.93 13.59 0.24
C GLY B 273 -6.34 13.03 0.29
N ILE B 274 -6.74 12.24 -0.71
CA ILE B 274 -8.04 11.52 -0.69
C ILE B 274 -8.05 10.53 0.46
N GLU B 275 -7.03 9.66 0.52
CA GLU B 275 -6.91 8.61 1.56
C GLU B 275 -7.01 9.14 2.99
N GLU B 276 -6.28 10.23 3.28
CA GLU B 276 -6.30 10.88 4.60
C GLU B 276 -7.71 11.32 5.03
N LYS B 277 -8.47 11.86 4.08
CA LYS B 277 -9.90 12.21 4.29
C LYS B 277 -10.79 10.96 4.38
N PHE B 278 -10.64 10.07 3.40
CA PHE B 278 -11.56 8.94 3.19
C PHE B 278 -11.47 7.80 4.21
N ARG B 279 -10.26 7.47 4.64
CA ARG B 279 -10.04 6.31 5.52
C ARG B 279 -10.74 6.44 6.87
N PRO B 280 -10.55 7.57 7.58
CA PRO B 280 -11.33 7.75 8.80
C PRO B 280 -12.85 7.83 8.58
N PHE B 281 -13.29 8.36 7.44
CA PHE B 281 -14.72 8.36 7.07
C PHE B 281 -15.22 6.93 6.86
N TYR B 282 -14.45 6.14 6.12
CA TYR B 282 -14.75 4.70 5.92
C TYR B 282 -14.90 3.98 7.27
N LEU B 283 -13.98 4.21 8.21
CA LEU B 283 -13.97 3.47 9.49
C LEU B 283 -15.11 3.91 10.44
N SER B 284 -15.26 5.21 10.65
CA SER B 284 -16.33 5.75 11.52
C SER B 284 -17.75 5.58 10.96
N GLN B 285 -17.96 5.85 9.68
CA GLN B 285 -19.32 5.89 9.05
C GLN B 285 -19.78 4.62 8.31
N LEU B 286 -18.85 3.96 7.60
CA LEU B 286 -19.22 2.86 6.66
C LEU B 286 -18.90 1.42 7.10
N GLU B 287 -17.83 1.21 7.88
CA GLU B 287 -17.42 -0.17 8.27
C GLU B 287 -18.41 -0.78 9.26
#